data_7QEJ
#
_entry.id   7QEJ
#
_cell.length_a   87.120
_cell.length_b   92.145
_cell.length_c   49.922
_cell.angle_alpha   90.000
_cell.angle_beta   90.000
_cell.angle_gamma   90.000
#
_symmetry.space_group_name_H-M   'P 21 21 2'
#
loop_
_entity.id
_entity.type
_entity.pdbx_description
1 polymer 'TRANSCRIPTIONAL REGULATOR AdmX'
2 non-polymer '1H-INDOL-3-YLACETIC ACID'
3 non-polymer 'MAGNESIUM ION'
4 water water
#
_entity_poly.entity_id   1
_entity_poly.type   'polypeptide(L)'
_entity_poly.pdbx_seq_one_letter_code
;MGSSHHHHHHSSGLVPRGSHMQGIYQDLSNLRLLADNLARDPRAKFTLGCLPCLGLSLVPEIATDFYQQNSNLVMTLTAE
HTETLVKKLDLREIDLALTMQPVQQGDIMATLIAEVPLVYVDKDYRQGAVEIDSIDQQRWISPGLDSLSTAIAAHRVFPA
TGLNVETCYMAMEFVKRGVGCCITDIFSARHSLTPEMIHQISPPMKIDLYLLRRADASLSPVTQKFVDFLCKRLRNELRE
INLELYPG
;
_entity_poly.pdbx_strand_id   A,B
#
loop_
_chem_comp.id
_chem_comp.type
_chem_comp.name
_chem_comp.formula
IAC non-polymer '1H-INDOL-3-YLACETIC ACID' 'C10 H9 N O2'
MG non-polymer 'MAGNESIUM ION' 'Mg 2'
#
# COMPACT_ATOMS: atom_id res chain seq x y z
N ALA A 44 -24.99 10.38 -7.36
CA ALA A 44 -23.76 10.81 -6.70
C ALA A 44 -22.64 9.78 -6.94
N LYS A 45 -21.49 10.23 -7.42
CA LYS A 45 -20.39 9.34 -7.83
C LYS A 45 -19.09 10.10 -7.64
N PHE A 46 -18.19 9.56 -6.81
CA PHE A 46 -16.91 10.20 -6.62
C PHE A 46 -15.86 9.14 -6.40
N THR A 47 -14.61 9.52 -6.67
CA THR A 47 -13.45 8.66 -6.51
C THR A 47 -12.39 9.37 -5.68
N LEU A 48 -12.01 8.75 -4.58
CA LEU A 48 -11.02 9.28 -3.65
C LEU A 48 -9.77 8.40 -3.73
N GLY A 49 -8.62 9.03 -3.89
CA GLY A 49 -7.33 8.37 -3.80
C GLY A 49 -6.66 8.84 -2.51
N CYS A 50 -6.00 7.95 -1.79
CA CYS A 50 -5.26 8.39 -0.64
C CYS A 50 -3.86 7.77 -0.58
N LEU A 51 -2.97 8.40 0.19
CA LEU A 51 -1.72 7.72 0.49
C LEU A 51 -1.94 6.37 1.20
N PRO A 52 -1.03 5.43 1.00
CA PRO A 52 -1.18 4.11 1.61
C PRO A 52 -1.37 4.16 3.12
N CYS A 53 -0.62 5.02 3.84
CA CYS A 53 -0.80 5.08 5.30
C CYS A 53 -2.25 5.34 5.72
N LEU A 54 -2.98 6.16 4.94
CA LEU A 54 -4.39 6.42 5.19
C LEU A 54 -5.31 5.34 4.70
N GLY A 55 -4.96 4.59 3.64
CA GLY A 55 -5.78 3.47 3.18
C GLY A 55 -5.70 2.20 3.99
N LEU A 56 -4.72 2.09 4.86
CA LEU A 56 -4.60 0.87 5.65
C LEU A 56 -5.80 0.64 6.53
N SER A 57 -6.39 1.71 7.07
N SER A 57 -6.40 1.70 7.06
CA SER A 57 -7.55 1.48 7.92
CA SER A 57 -7.51 1.52 7.97
C SER A 57 -8.43 2.72 8.10
C SER A 57 -8.42 2.72 8.13
N LEU A 58 -7.87 3.94 8.13
CA LEU A 58 -8.68 5.10 8.50
C LEU A 58 -9.68 5.46 7.42
N VAL A 59 -9.23 5.57 6.18
CA VAL A 59 -10.16 5.90 5.11
C VAL A 59 -11.21 4.80 4.95
N PRO A 60 -10.89 3.50 4.97
CA PRO A 60 -12.00 2.53 4.83
C PRO A 60 -12.99 2.66 5.97
N GLU A 61 -12.51 2.97 7.19
CA GLU A 61 -13.45 3.15 8.29
C GLU A 61 -14.39 4.31 8.01
N ILE A 62 -13.83 5.43 7.53
CA ILE A 62 -14.62 6.64 7.34
C ILE A 62 -15.58 6.47 6.19
N ALA A 63 -15.08 5.95 5.08
CA ALA A 63 -15.93 5.63 3.93
C ALA A 63 -17.05 4.68 4.32
N THR A 64 -16.72 3.61 5.05
CA THR A 64 -17.77 2.69 5.49
C THR A 64 -18.87 3.44 6.23
N ASP A 65 -18.51 4.24 7.22
CA ASP A 65 -19.52 4.96 7.99
C ASP A 65 -20.39 5.87 7.08
N PHE A 66 -19.76 6.57 6.15
CA PHE A 66 -20.52 7.42 5.24
C PHE A 66 -21.40 6.59 4.33
N TYR A 67 -20.83 5.54 3.75
CA TYR A 67 -21.57 4.71 2.78
C TYR A 67 -22.79 4.08 3.41
N GLN A 68 -22.67 3.67 4.66
CA GLN A 68 -23.81 3.11 5.39
C GLN A 68 -24.87 4.16 5.71
N GLN A 69 -24.50 5.42 5.80
CA GLN A 69 -25.45 6.49 6.13
C GLN A 69 -26.00 7.17 4.89
N ASN A 70 -25.43 6.90 3.71
CA ASN A 70 -25.83 7.57 2.48
C ASN A 70 -25.71 6.53 1.38
N SER A 71 -26.82 5.96 0.99
CA SER A 71 -26.87 5.12 -0.20
C SER A 71 -27.23 5.99 -1.40
N ASN A 72 -27.54 5.37 -2.52
CA ASN A 72 -27.75 6.10 -3.77
C ASN A 72 -26.48 6.87 -4.16
N LEU A 73 -25.32 6.22 -3.98
CA LEU A 73 -24.04 6.76 -4.40
C LEU A 73 -23.15 5.64 -4.93
N VAL A 74 -22.23 6.00 -5.83
CA VAL A 74 -21.19 5.11 -6.30
C VAL A 74 -19.85 5.67 -5.82
N MET A 75 -19.20 4.94 -4.93
CA MET A 75 -17.91 5.32 -4.37
C MET A 75 -16.82 4.42 -4.92
N THR A 76 -15.74 5.04 -5.37
CA THR A 76 -14.53 4.35 -5.74
C THR A 76 -13.38 4.82 -4.88
N LEU A 77 -12.58 3.90 -4.38
CA LEU A 77 -11.46 4.25 -3.53
C LEU A 77 -10.19 3.55 -4.00
N THR A 78 -9.05 4.24 -3.86
CA THR A 78 -7.74 3.68 -4.21
C THR A 78 -6.62 4.32 -3.40
N ALA A 79 -5.55 3.57 -3.18
CA ALA A 79 -4.36 4.06 -2.46
C ALA A 79 -3.18 4.07 -3.41
N GLU A 80 -2.53 5.22 -3.45
CA GLU A 80 -1.44 5.39 -4.38
C GLU A 80 -0.45 6.38 -3.77
N HIS A 81 0.81 6.34 -4.24
CA HIS A 81 1.77 7.35 -3.83
C HIS A 81 1.42 8.72 -4.42
N THR A 82 2.01 9.77 -3.87
CA THR A 82 1.61 11.14 -4.21
C THR A 82 1.73 11.40 -5.70
N GLU A 83 2.85 11.01 -6.26
CA GLU A 83 3.09 11.35 -7.71
CA GLU A 83 3.06 11.35 -7.72
C GLU A 83 1.94 10.77 -8.58
N THR A 84 1.48 9.58 -8.22
CA THR A 84 0.40 8.94 -8.96
C THR A 84 -0.93 9.59 -8.68
N LEU A 85 -1.19 9.98 -7.42
CA LEU A 85 -2.41 10.71 -7.08
C LEU A 85 -2.52 11.97 -7.90
N VAL A 86 -1.45 12.74 -8.02
CA VAL A 86 -1.51 13.98 -8.78
C VAL A 86 -1.75 13.67 -10.23
N LYS A 87 -1.05 12.66 -10.74
CA LYS A 87 -1.30 12.31 -12.14
C LYS A 87 -2.77 11.92 -12.36
N LYS A 88 -3.34 11.13 -11.46
CA LYS A 88 -4.74 10.74 -11.62
C LYS A 88 -5.68 11.93 -11.47
N LEU A 89 -5.36 12.90 -10.63
CA LEU A 89 -6.22 14.08 -10.62
C LEU A 89 -6.15 14.84 -11.92
N ASP A 90 -4.95 14.97 -12.43
CA ASP A 90 -4.78 15.68 -13.74
CA ASP A 90 -4.80 15.68 -13.75
C ASP A 90 -5.46 14.94 -14.92
N LEU A 91 -5.55 13.60 -14.86
CA LEU A 91 -6.25 12.85 -15.91
C LEU A 91 -7.75 12.65 -15.58
N ARG A 92 -8.23 13.20 -14.46
N ARG A 92 -8.24 13.23 -14.48
CA ARG A 92 -9.61 13.05 -14.03
CA ARG A 92 -9.62 13.05 -14.03
C ARG A 92 -9.96 11.59 -13.74
C ARG A 92 -9.96 11.59 -13.73
N GLU A 93 -8.97 10.78 -13.35
CA GLU A 93 -9.25 9.41 -12.92
C GLU A 93 -9.68 9.34 -11.46
N ILE A 94 -9.29 10.33 -10.69
CA ILE A 94 -9.89 10.50 -9.37
C ILE A 94 -10.37 11.95 -9.20
N ASP A 95 -11.24 12.16 -8.22
CA ASP A 95 -11.83 13.47 -7.90
C ASP A 95 -11.16 14.17 -6.75
N LEU A 96 -10.61 13.40 -5.79
CA LEU A 96 -10.15 13.85 -4.49
C LEU A 96 -8.90 13.04 -4.17
N ALA A 97 -7.89 13.68 -3.55
CA ALA A 97 -6.71 12.97 -3.10
C ALA A 97 -6.28 13.49 -1.73
N LEU A 98 -5.89 12.57 -0.88
CA LEU A 98 -5.32 12.86 0.44
C LEU A 98 -3.82 12.60 0.42
N THR A 99 -3.04 13.65 0.58
CA THR A 99 -1.60 13.60 0.48
C THR A 99 -0.99 14.30 1.67
N MET A 100 0.32 14.26 1.75
CA MET A 100 1.06 15.05 2.74
C MET A 100 1.98 16.06 2.10
N GLN A 101 1.58 16.60 0.96
CA GLN A 101 2.37 17.56 0.25
C GLN A 101 1.40 18.44 -0.52
N PRO A 102 1.61 19.74 -0.58
CA PRO A 102 0.80 20.55 -1.49
C PRO A 102 1.34 20.39 -2.91
N VAL A 103 0.49 20.72 -3.87
CA VAL A 103 0.88 20.87 -5.26
C VAL A 103 0.19 22.13 -5.73
N GLN A 104 0.77 22.76 -6.77
CA GLN A 104 0.20 23.88 -7.50
C GLN A 104 0.00 23.54 -8.98
N GLN A 105 -0.05 22.24 -9.32
CA GLN A 105 -0.11 21.84 -10.72
C GLN A 105 -1.49 22.14 -11.28
N GLY A 106 -1.52 22.55 -12.53
CA GLY A 106 -2.78 22.68 -13.22
C GLY A 106 -3.73 23.50 -12.40
N ASP A 107 -4.92 22.96 -12.25
CA ASP A 107 -5.95 23.59 -11.43
C ASP A 107 -6.18 22.78 -10.16
N ILE A 108 -5.20 21.98 -9.79
CA ILE A 108 -5.28 21.23 -8.54
C ILE A 108 -5.05 22.21 -7.40
N MET A 109 -5.97 22.21 -6.43
CA MET A 109 -5.92 23.01 -5.20
C MET A 109 -5.72 22.05 -4.04
N ALA A 110 -4.70 22.28 -3.24
CA ALA A 110 -4.41 21.49 -2.07
C ALA A 110 -4.85 22.30 -0.85
N THR A 111 -5.64 21.67 0.02
CA THR A 111 -6.18 22.34 1.19
C THR A 111 -5.60 21.65 2.38
N LEU A 112 -4.90 22.40 3.21
CA LEU A 112 -4.34 21.85 4.43
C LEU A 112 -5.49 21.60 5.39
N ILE A 113 -5.67 20.35 5.79
CA ILE A 113 -6.81 19.97 6.61
C ILE A 113 -6.42 19.48 8.01
N ALA A 114 -5.18 19.13 8.25
CA ALA A 114 -4.81 18.69 9.59
C ALA A 114 -3.28 18.59 9.68
N GLU A 115 -2.79 18.42 10.92
N GLU A 115 -2.79 18.41 10.91
CA GLU A 115 -1.38 18.09 11.15
CA GLU A 115 -1.39 18.10 11.18
C GLU A 115 -1.31 16.70 11.78
C GLU A 115 -1.33 16.69 11.77
N VAL A 116 -0.41 15.89 11.26
CA VAL A 116 -0.31 14.44 11.57
C VAL A 116 1.00 14.19 12.33
N PRO A 117 0.99 13.56 13.50
CA PRO A 117 2.26 13.28 14.20
C PRO A 117 3.16 12.35 13.38
N LEU A 118 4.46 12.66 13.46
CA LEU A 118 5.55 11.79 13.04
C LEU A 118 6.16 11.15 14.27
N VAL A 119 6.44 9.86 14.13
CA VAL A 119 6.85 9.07 15.27
C VAL A 119 8.09 8.28 14.89
N TYR A 120 8.94 8.03 15.86
CA TYR A 120 10.03 7.12 15.66
C TYR A 120 9.62 5.70 15.97
N VAL A 121 10.02 4.77 15.13
CA VAL A 121 9.62 3.38 15.26
C VAL A 121 10.86 2.49 15.24
N ASP A 122 10.85 1.47 16.09
CA ASP A 122 11.99 0.55 16.24
C ASP A 122 11.55 -0.62 17.08
N LYS A 123 12.07 -1.78 16.79
CA LYS A 123 11.95 -2.91 17.68
C LYS A 123 12.88 -2.73 18.88
N ASP A 124 14.03 -2.10 18.67
CA ASP A 124 14.92 -1.90 19.82
C ASP A 124 14.29 -0.93 20.84
N TYR A 125 13.99 -1.45 22.01
CA TYR A 125 13.45 -0.69 23.13
C TYR A 125 13.98 0.74 23.27
N ARG A 126 13.02 1.63 23.44
CA ARG A 126 13.31 3.01 23.76
C ARG A 126 12.36 3.44 24.88
N GLN A 127 12.79 4.38 25.69
N GLN A 127 12.75 4.43 25.65
CA GLN A 127 11.93 4.91 26.74
CA GLN A 127 11.88 4.89 26.70
C GLN A 127 11.40 6.28 26.31
C GLN A 127 11.38 6.28 26.38
N GLY A 128 10.09 6.39 26.13
CA GLY A 128 9.54 7.69 25.82
C GLY A 128 10.07 8.28 24.52
N ALA A 129 10.30 9.58 24.55
CA ALA A 129 10.48 10.35 23.34
C ALA A 129 11.94 10.21 22.89
N VAL A 130 12.14 10.42 21.58
CA VAL A 130 13.38 10.17 20.89
C VAL A 130 13.82 11.48 20.22
N GLU A 131 15.03 11.92 20.54
CA GLU A 131 15.62 13.06 19.88
C GLU A 131 16.19 12.58 18.56
N ILE A 132 15.94 13.32 17.49
CA ILE A 132 16.41 12.88 16.18
C ILE A 132 17.93 12.67 16.16
N ASP A 133 18.67 13.46 16.94
CA ASP A 133 20.11 13.31 16.94
C ASP A 133 20.57 12.05 17.68
N SER A 134 19.72 11.46 18.50
CA SER A 134 20.06 10.20 19.15
C SER A 134 19.83 8.97 18.24
N ILE A 135 19.27 9.14 17.04
CA ILE A 135 19.02 7.98 16.19
C ILE A 135 20.32 7.46 15.61
N ASP A 136 20.45 6.14 15.62
CA ASP A 136 21.60 5.45 15.04
C ASP A 136 21.50 5.42 13.50
N GLN A 137 22.31 6.23 12.84
CA GLN A 137 22.24 6.27 11.39
C GLN A 137 22.62 4.95 10.73
N GLN A 138 23.30 4.06 11.46
CA GLN A 138 23.63 2.73 10.94
C GLN A 138 22.40 1.82 10.82
N ARG A 139 21.33 2.10 11.55
N ARG A 139 21.32 2.09 11.55
CA ARG A 139 20.11 1.31 11.48
CA ARG A 139 20.11 1.29 11.46
C ARG A 139 18.99 2.01 10.74
C ARG A 139 18.98 2.02 10.76
N TRP A 140 19.22 3.24 10.27
CA TRP A 140 18.21 4.01 9.60
C TRP A 140 17.76 3.38 8.29
N ILE A 141 16.45 3.35 8.13
CA ILE A 141 15.79 2.95 6.89
C ILE A 141 15.27 4.23 6.30
N SER A 142 15.76 4.60 5.13
CA SER A 142 15.41 5.89 4.58
CA SER A 142 15.40 5.90 4.58
C SER A 142 14.01 5.84 3.99
N PRO A 143 13.10 6.72 4.41
CA PRO A 143 11.75 6.72 3.83
C PRO A 143 11.73 7.41 2.48
N GLY A 144 10.97 6.85 1.54
CA GLY A 144 10.82 7.45 0.24
C GLY A 144 9.84 8.62 0.15
N LEU A 145 8.81 8.67 1.00
CA LEU A 145 7.85 9.77 0.93
C LEU A 145 8.63 11.08 0.97
N ASP A 146 8.58 11.84 -0.13
CA ASP A 146 9.37 13.06 -0.22
CA ASP A 146 9.37 13.06 -0.22
C ASP A 146 9.02 14.01 0.89
N SER A 147 7.74 14.22 1.14
CA SER A 147 7.30 15.11 2.21
C SER A 147 7.91 14.70 3.54
N LEU A 148 7.89 13.41 3.81
CA LEU A 148 8.44 12.88 5.05
C LEU A 148 9.93 13.09 5.11
N SER A 149 10.63 12.63 4.06
CA SER A 149 12.07 12.78 4.04
C SER A 149 12.45 14.26 4.13
N THR A 150 11.63 15.13 3.53
CA THR A 150 11.89 16.57 3.58
C THR A 150 11.68 17.11 4.99
N ALA A 151 10.59 16.69 5.65
CA ALA A 151 10.39 17.10 7.05
C ALA A 151 11.53 16.63 7.95
N ILE A 152 11.91 15.36 7.83
CA ILE A 152 13.00 14.87 8.64
C ILE A 152 14.25 15.64 8.37
N ALA A 153 14.52 15.93 7.08
CA ALA A 153 15.78 16.58 6.68
C ALA A 153 15.89 17.97 7.27
N ALA A 154 14.77 18.58 7.61
CA ALA A 154 14.85 19.90 8.25
C ALA A 154 15.50 19.78 9.62
N HIS A 155 15.37 18.63 10.26
CA HIS A 155 15.92 18.40 11.59
C HIS A 155 17.20 17.60 11.59
N ARG A 156 17.43 16.79 10.56
CA ARG A 156 18.66 16.01 10.50
C ARG A 156 18.79 15.38 9.13
N VAL A 157 20.00 15.41 8.62
CA VAL A 157 20.33 14.85 7.31
C VAL A 157 20.94 13.47 7.58
N PHE A 158 20.18 12.43 7.37
CA PHE A 158 20.72 11.09 7.54
C PHE A 158 21.53 10.70 6.30
N PRO A 159 22.72 10.12 6.46
CA PRO A 159 23.47 9.68 5.29
C PRO A 159 22.77 8.52 4.60
N ALA A 160 23.24 8.23 3.38
CA ALA A 160 22.67 7.14 2.60
C ALA A 160 22.88 5.84 3.36
N THR A 161 21.90 4.94 3.27
CA THR A 161 21.91 3.66 3.97
CA THR A 161 21.90 3.66 3.97
C THR A 161 21.67 2.52 2.98
N GLY A 162 21.84 1.30 3.49
CA GLY A 162 21.63 0.13 2.67
C GLY A 162 20.19 -0.16 2.39
N LEU A 163 19.27 0.48 3.11
CA LEU A 163 17.87 0.12 2.97
C LEU A 163 17.05 1.38 2.78
N ASN A 164 16.32 1.44 1.66
CA ASN A 164 15.44 2.54 1.28
C ASN A 164 14.06 1.96 1.02
N VAL A 165 13.02 2.45 1.70
CA VAL A 165 11.71 1.85 1.53
C VAL A 165 10.71 2.96 1.28
N GLU A 166 10.02 2.88 0.17
CA GLU A 166 9.19 3.97 -0.28
C GLU A 166 7.73 3.79 0.06
N THR A 167 7.33 2.70 0.72
CA THR A 167 5.94 2.44 1.03
C THR A 167 5.88 2.10 2.50
N CYS A 168 5.00 2.82 3.22
CA CYS A 168 5.01 2.85 4.67
C CYS A 168 4.85 1.46 5.26
N TYR A 169 3.88 0.67 4.79
CA TYR A 169 3.64 -0.62 5.44
C TYR A 169 4.75 -1.59 5.14
N MET A 170 5.47 -1.43 4.02
CA MET A 170 6.64 -2.27 3.85
C MET A 170 7.75 -1.87 4.83
N ALA A 171 7.93 -0.58 5.08
CA ALA A 171 8.93 -0.17 6.06
C ALA A 171 8.61 -0.74 7.44
N MET A 172 7.32 -0.75 7.80
CA MET A 172 6.95 -1.18 9.13
C MET A 172 7.26 -2.63 9.26
N GLU A 173 7.14 -3.42 8.18
CA GLU A 173 7.49 -4.83 8.26
C GLU A 173 8.98 -5.02 8.60
N PHE A 174 9.84 -4.26 7.93
CA PHE A 174 11.27 -4.27 8.23
C PHE A 174 11.53 -3.85 9.68
N VAL A 175 10.79 -2.87 10.17
CA VAL A 175 10.96 -2.49 11.58
C VAL A 175 10.58 -3.64 12.46
N LYS A 176 9.45 -4.27 12.18
CA LYS A 176 9.00 -5.40 12.98
C LYS A 176 9.94 -6.57 13.02
N ARG A 177 10.66 -6.83 11.94
CA ARG A 177 11.62 -7.91 11.89
C ARG A 177 12.94 -7.50 12.50
N GLY A 178 13.04 -6.27 12.95
CA GLY A 178 14.27 -5.85 13.59
C GLY A 178 15.38 -5.35 12.69
N VAL A 179 15.09 -5.06 11.43
CA VAL A 179 16.13 -4.72 10.50
C VAL A 179 16.60 -3.30 10.72
N GLY A 180 15.76 -2.41 11.21
CA GLY A 180 16.19 -1.04 11.39
C GLY A 180 15.08 -0.21 11.97
N CYS A 181 15.28 1.09 11.93
CA CYS A 181 14.41 2.06 12.57
C CYS A 181 14.00 3.10 11.54
N CYS A 182 12.97 3.82 11.84
CA CYS A 182 12.48 4.80 10.88
CA CYS A 182 12.62 4.90 10.92
C CYS A 182 11.73 5.88 11.64
N ILE A 183 11.37 6.92 10.95
CA ILE A 183 10.35 7.89 11.35
C ILE A 183 9.23 7.79 10.32
N THR A 184 8.03 7.62 10.78
CA THR A 184 6.91 7.45 9.89
C THR A 184 5.72 8.26 10.44
N ASP A 185 4.64 8.32 9.69
CA ASP A 185 3.41 8.92 10.21
C ASP A 185 2.76 8.00 11.24
N ILE A 186 1.97 8.57 12.14
CA ILE A 186 1.36 7.73 13.17
C ILE A 186 0.37 6.74 12.56
N PHE A 187 -0.26 7.06 11.42
CA PHE A 187 -1.31 6.14 10.93
C PHE A 187 -0.71 4.80 10.55
N SER A 188 0.39 4.84 9.80
CA SER A 188 1.10 3.61 9.45
C SER A 188 1.68 2.89 10.67
N ALA A 189 2.34 3.60 11.58
CA ALA A 189 2.84 2.96 12.80
C ALA A 189 1.71 2.30 13.60
N ARG A 190 0.61 3.02 13.77
CA ARG A 190 -0.45 2.54 14.66
C ARG A 190 -1.09 1.30 14.14
N HIS A 191 -1.13 1.17 12.82
CA HIS A 191 -1.74 0.02 12.16
C HIS A 191 -0.86 -1.24 12.30
N SER A 192 0.45 -1.10 12.10
CA SER A 192 1.31 -2.25 11.94
C SER A 192 2.09 -2.62 13.16
N LEU A 193 2.28 -1.70 14.11
CA LEU A 193 3.20 -1.94 15.21
C LEU A 193 2.46 -1.96 16.54
N THR A 194 3.10 -2.55 17.52
CA THR A 194 2.59 -2.47 18.86
C THR A 194 2.94 -1.11 19.47
N PRO A 195 2.17 -0.67 20.44
CA PRO A 195 2.45 0.64 21.05
C PRO A 195 3.87 0.81 21.55
N GLU A 196 4.48 -0.25 22.12
CA GLU A 196 5.84 -0.17 22.65
CA GLU A 196 5.84 -0.17 22.65
C GLU A 196 6.85 0.19 21.57
N MET A 197 6.53 0.00 20.30
CA MET A 197 7.51 0.28 19.27
CA MET A 197 7.52 0.28 19.27
C MET A 197 7.42 1.69 18.72
N ILE A 198 6.45 2.47 19.19
CA ILE A 198 6.12 3.81 18.66
C ILE A 198 6.50 4.87 19.68
N HIS A 199 7.23 5.88 19.22
CA HIS A 199 7.77 6.88 20.13
C HIS A 199 7.61 8.26 19.55
N GLN A 200 7.19 9.20 20.40
CA GLN A 200 7.13 10.59 19.98
C GLN A 200 8.56 11.05 19.76
N ILE A 201 8.73 12.01 18.89
CA ILE A 201 10.00 12.69 18.72
C ILE A 201 10.12 13.79 19.77
N SER A 202 11.37 14.24 20.01
CA SER A 202 11.68 15.35 20.92
C SER A 202 12.52 16.42 20.21
N PRO A 203 11.96 17.59 19.88
CA PRO A 203 10.58 17.99 20.17
C PRO A 203 9.60 17.28 19.24
N PRO A 204 8.31 17.36 19.54
CA PRO A 204 7.33 16.64 18.71
C PRO A 204 7.39 17.12 17.26
N MET A 205 7.23 16.18 16.34
CA MET A 205 7.29 16.48 14.91
CA MET A 205 7.29 16.48 14.91
C MET A 205 5.96 16.16 14.25
N LYS A 206 5.57 16.99 13.29
CA LYS A 206 4.34 16.74 12.56
C LYS A 206 4.59 16.92 11.06
N ILE A 207 3.66 16.40 10.30
CA ILE A 207 3.59 16.64 8.86
C ILE A 207 2.19 17.12 8.49
N ASP A 208 2.09 17.92 7.41
CA ASP A 208 0.81 18.50 7.00
C ASP A 208 0.02 17.52 6.17
N LEU A 209 -1.28 17.43 6.43
CA LEU A 209 -2.17 16.58 5.64
C LEU A 209 -3.03 17.45 4.74
N TYR A 210 -3.05 17.10 3.46
CA TYR A 210 -3.75 17.89 2.47
C TYR A 210 -4.83 17.09 1.75
N LEU A 211 -5.89 17.84 1.35
CA LEU A 211 -6.99 17.35 0.50
C LEU A 211 -6.81 18.08 -0.83
N LEU A 212 -6.60 17.33 -1.89
CA LEU A 212 -6.41 17.87 -3.23
C LEU A 212 -7.64 17.61 -4.09
N ARG A 213 -8.09 18.62 -4.85
CA ARG A 213 -9.11 18.45 -5.87
C ARG A 213 -8.86 19.48 -6.93
N ARG A 214 -9.41 19.26 -8.12
CA ARG A 214 -9.30 20.24 -9.19
CA ARG A 214 -9.30 20.24 -9.19
C ARG A 214 -10.27 21.39 -8.96
N ALA A 215 -9.80 22.63 -9.16
CA ALA A 215 -10.65 23.82 -8.92
C ALA A 215 -11.55 24.08 -10.12
N ASP A 216 -11.00 24.00 -11.32
CA ASP A 216 -11.86 24.05 -12.48
C ASP A 216 -13.00 23.04 -12.36
N ALA A 217 -12.82 21.96 -11.60
CA ALA A 217 -13.86 20.96 -11.45
C ALA A 217 -14.85 21.43 -10.39
N SER A 218 -16.08 20.96 -10.51
CA SER A 218 -17.13 21.31 -9.56
C SER A 218 -17.62 20.05 -8.87
N LEU A 219 -17.78 20.13 -7.55
CA LEU A 219 -18.26 19.01 -6.75
C LEU A 219 -19.78 18.96 -6.73
N SER A 220 -20.31 17.76 -6.56
CA SER A 220 -21.72 17.61 -6.28
C SER A 220 -22.00 17.84 -4.79
N PRO A 221 -23.26 18.07 -4.43
CA PRO A 221 -23.58 18.14 -2.99
C PRO A 221 -23.10 16.94 -2.19
N VAL A 222 -23.43 15.72 -2.63
CA VAL A 222 -23.04 14.53 -1.88
C VAL A 222 -21.54 14.43 -1.75
N THR A 223 -20.80 14.84 -2.78
CA THR A 223 -19.36 14.81 -2.64
C THR A 223 -18.87 15.88 -1.68
N GLN A 224 -19.51 17.04 -1.70
CA GLN A 224 -19.23 18.06 -0.68
CA GLN A 224 -19.23 18.05 -0.69
C GLN A 224 -19.52 17.53 0.72
N LYS A 225 -20.67 16.86 0.90
CA LYS A 225 -21.00 16.26 2.19
CA LYS A 225 -20.99 16.27 2.20
C LYS A 225 -19.94 15.26 2.61
N PHE A 226 -19.45 14.47 1.66
CA PHE A 226 -18.44 13.48 2.01
C PHE A 226 -17.14 14.14 2.39
N VAL A 227 -16.70 15.16 1.64
CA VAL A 227 -15.47 15.84 1.99
C VAL A 227 -15.56 16.39 3.42
N ASP A 228 -16.70 16.98 3.77
CA ASP A 228 -16.87 17.56 5.11
C ASP A 228 -16.82 16.49 6.21
N PHE A 229 -17.54 15.39 5.98
CA PHE A 229 -17.52 14.25 6.87
C PHE A 229 -16.12 13.68 7.00
N LEU A 230 -15.44 13.50 5.87
CA LEU A 230 -14.10 12.95 5.88
C LEU A 230 -13.16 13.80 6.71
N CYS A 231 -13.21 15.14 6.53
CA CYS A 231 -12.35 16.04 7.27
C CYS A 231 -12.64 16.01 8.77
N LYS A 232 -13.90 16.02 9.15
CA LYS A 232 -14.30 15.94 10.55
C LYS A 232 -13.82 14.65 11.21
N ARG A 233 -13.96 13.52 10.51
CA ARG A 233 -13.54 12.26 11.09
C ARG A 233 -12.03 12.15 11.15
N LEU A 234 -11.33 12.73 10.20
CA LEU A 234 -9.87 12.66 10.28
C LEU A 234 -9.37 13.51 11.45
N ARG A 235 -9.88 14.74 11.58
CA ARG A 235 -9.56 15.58 12.71
C ARG A 235 -9.93 14.92 14.03
N ASN A 236 -11.11 14.30 14.12
CA ASN A 236 -11.47 13.61 15.35
CA ASN A 236 -11.47 13.60 15.35
C ASN A 236 -10.46 12.50 15.68
N GLU A 237 -10.02 11.76 14.68
CA GLU A 237 -9.10 10.65 14.94
C GLU A 237 -7.75 11.18 15.46
N LEU A 238 -7.26 12.25 14.84
CA LEU A 238 -6.02 12.84 15.32
C LEU A 238 -6.13 13.34 16.77
N ARG A 239 -7.32 13.83 17.20
CA ARG A 239 -7.56 14.16 18.61
CA ARG A 239 -7.57 14.15 18.61
C ARG A 239 -7.37 12.94 19.51
N GLU A 240 -8.00 11.81 19.17
CA GLU A 240 -7.79 10.63 20.00
C GLU A 240 -6.32 10.16 19.94
N ILE A 241 -5.66 10.33 18.80
CA ILE A 241 -4.26 9.92 18.67
C ILE A 241 -3.38 10.75 19.61
N ASN A 242 -3.65 12.05 19.69
CA ASN A 242 -2.92 12.89 20.62
C ASN A 242 -3.02 12.37 22.02
N LEU A 243 -4.21 11.95 22.42
CA LEU A 243 -4.35 11.41 23.77
C LEU A 243 -3.49 10.16 23.95
N GLU A 244 -3.50 9.27 22.98
CA GLU A 244 -2.79 8.02 23.13
C GLU A 244 -1.28 8.22 23.07
N LEU A 245 -0.80 9.23 22.36
CA LEU A 245 0.63 9.49 22.28
C LEU A 245 1.22 10.14 23.51
N TYR A 246 0.38 10.70 24.38
CA TYR A 246 0.90 11.39 25.54
C TYR A 246 1.74 10.44 26.40
N PRO A 247 3.01 10.80 26.72
CA PRO A 247 3.89 9.91 27.49
C PRO A 247 3.76 10.00 29.00
N ARG B 43 28.39 -1.47 -2.98
CA ARG B 43 28.57 -1.09 -4.36
C ARG B 43 27.49 -1.74 -5.26
N ALA B 44 26.75 -2.69 -4.72
CA ALA B 44 25.64 -3.32 -5.43
C ALA B 44 24.31 -2.67 -5.01
N LYS B 45 23.46 -2.42 -6.00
CA LYS B 45 22.24 -1.68 -5.77
C LYS B 45 21.13 -2.24 -6.65
N PHE B 46 19.92 -2.40 -6.09
CA PHE B 46 18.78 -2.68 -6.95
C PHE B 46 17.52 -2.11 -6.32
N THR B 47 16.56 -1.83 -7.19
CA THR B 47 15.24 -1.31 -6.80
C THR B 47 14.17 -2.27 -7.31
N LEU B 48 13.36 -2.77 -6.40
CA LEU B 48 12.24 -3.66 -6.73
C LEU B 48 10.93 -2.99 -6.36
N GLY B 49 10.02 -2.96 -7.31
CA GLY B 49 8.64 -2.57 -7.07
C GLY B 49 7.80 -3.83 -7.04
N CYS B 50 6.79 -3.86 -6.17
CA CYS B 50 5.86 -4.98 -6.14
C CYS B 50 4.43 -4.46 -5.96
N LEU B 51 3.45 -5.30 -6.31
CA LEU B 51 2.05 -5.03 -6.03
C LEU B 51 1.80 -4.96 -4.51
N PRO B 52 0.82 -4.18 -4.09
CA PRO B 52 0.55 -4.05 -2.67
C PRO B 52 0.36 -5.39 -1.98
N CYS B 53 -0.36 -6.36 -2.57
CA CYS B 53 -0.60 -7.63 -1.85
C CYS B 53 0.67 -8.35 -1.49
N LEU B 54 1.68 -8.22 -2.33
CA LEU B 54 2.99 -8.79 -2.07
C LEU B 54 3.81 -8.01 -1.08
N GLY B 55 3.65 -6.65 -1.00
CA GLY B 55 4.45 -5.90 -0.06
C GLY B 55 3.96 -5.90 1.36
N LEU B 56 2.72 -6.36 1.57
CA LEU B 56 2.18 -6.35 2.92
C LEU B 56 3.05 -7.18 3.84
N SER B 57 3.58 -8.29 3.32
N SER B 57 3.62 -8.29 3.33
CA SER B 57 4.38 -9.16 4.15
CA SER B 57 4.47 -9.11 4.18
C SER B 57 5.44 -10.01 3.45
C SER B 57 5.46 -10.02 3.46
N LEU B 58 5.08 -10.60 2.32
CA LEU B 58 5.97 -11.58 1.66
C LEU B 58 7.25 -10.96 1.10
N VAL B 59 7.16 -9.87 0.33
CA VAL B 59 8.37 -9.27 -0.19
C VAL B 59 9.25 -8.76 0.94
N PRO B 60 8.72 -8.07 1.98
CA PRO B 60 9.63 -7.66 3.06
C PRO B 60 10.36 -8.83 3.68
N GLU B 61 9.65 -9.93 3.89
CA GLU B 61 10.29 -11.09 4.49
C GLU B 61 11.45 -11.61 3.63
N ILE B 62 11.18 -11.83 2.34
CA ILE B 62 12.19 -12.37 1.46
C ILE B 62 13.35 -11.40 1.31
N ALA B 63 13.05 -10.11 1.15
CA ALA B 63 14.13 -9.13 1.01
C ALA B 63 14.95 -9.03 2.27
N THR B 64 14.29 -9.10 3.42
CA THR B 64 15.04 -9.14 4.66
C THR B 64 16.06 -10.29 4.65
N ASP B 65 15.63 -11.48 4.25
CA ASP B 65 16.56 -12.60 4.28
C ASP B 65 17.72 -12.35 3.32
N PHE B 66 17.46 -11.75 2.16
CA PHE B 66 18.57 -11.55 1.23
C PHE B 66 19.51 -10.45 1.70
N TYR B 67 18.94 -9.32 2.09
CA TYR B 67 19.70 -8.16 2.55
C TYR B 67 20.73 -8.57 3.55
N GLN B 68 20.32 -9.48 4.39
CA GLN B 68 21.21 -9.90 5.44
CA GLN B 68 21.21 -9.92 5.45
C GLN B 68 22.27 -10.88 4.95
N GLN B 69 21.95 -11.74 3.96
CA GLN B 69 22.94 -12.65 3.38
C GLN B 69 23.93 -11.93 2.46
N ASN B 70 23.78 -10.63 2.19
CA ASN B 70 24.59 -9.93 1.21
CA ASN B 70 24.59 -9.93 1.20
C ASN B 70 24.93 -8.56 1.78
N SER B 71 26.18 -8.36 2.14
CA SER B 71 26.66 -7.06 2.59
C SER B 71 27.04 -6.19 1.39
N ASN B 72 27.37 -4.94 1.68
CA ASN B 72 27.76 -3.99 0.64
CA ASN B 72 27.76 -3.99 0.64
C ASN B 72 26.67 -3.92 -0.43
N LEU B 73 25.42 -3.78 0.03
CA LEU B 73 24.25 -3.74 -0.83
C LEU B 73 23.33 -2.59 -0.43
N VAL B 74 22.80 -1.90 -1.44
CA VAL B 74 21.76 -0.91 -1.25
C VAL B 74 20.49 -1.41 -1.95
N MET B 75 19.47 -1.66 -1.16
CA MET B 75 18.19 -2.16 -1.63
CA MET B 75 18.18 -2.15 -1.64
C MET B 75 17.15 -1.05 -1.51
N THR B 76 16.37 -0.87 -2.57
CA THR B 76 15.24 0.06 -2.60
C THR B 76 13.96 -0.66 -2.96
N LEU B 77 12.93 -0.44 -2.14
CA LEU B 77 11.74 -1.25 -2.30
C LEU B 77 10.53 -0.33 -2.29
N THR B 78 9.56 -0.61 -3.15
CA THR B 78 8.36 0.23 -3.21
C THR B 78 7.18 -0.65 -3.62
N ALA B 79 5.99 -0.32 -3.19
CA ALA B 79 4.79 -1.08 -3.64
C ALA B 79 3.91 -0.09 -4.37
N GLU B 80 3.39 -0.49 -5.56
CA GLU B 80 2.65 0.38 -6.47
C GLU B 80 1.71 -0.53 -7.26
N HIS B 81 0.66 0.06 -7.84
CA HIS B 81 -0.23 -0.68 -8.76
C HIS B 81 0.48 -1.05 -10.06
N THR B 82 -0.07 -2.09 -10.74
CA THR B 82 0.56 -2.60 -11.96
C THR B 82 1.00 -1.52 -12.92
N GLU B 83 0.07 -0.64 -13.28
CA GLU B 83 0.35 0.36 -14.30
CA GLU B 83 0.35 0.37 -14.29
C GLU B 83 1.57 1.20 -13.92
N THR B 84 1.67 1.55 -12.64
CA THR B 84 2.74 2.40 -12.16
C THR B 84 4.07 1.66 -12.17
N LEU B 85 4.05 0.39 -11.78
CA LEU B 85 5.22 -0.46 -11.83
C LEU B 85 5.76 -0.54 -13.22
N VAL B 86 4.89 -0.80 -14.18
CA VAL B 86 5.37 -0.93 -15.51
C VAL B 86 5.87 0.40 -16.01
N LYS B 87 5.18 1.49 -15.68
CA LYS B 87 5.74 2.79 -16.06
C LYS B 87 7.12 3.04 -15.48
N LYS B 88 7.29 2.77 -14.19
CA LYS B 88 8.57 2.97 -13.55
C LYS B 88 9.65 2.07 -14.16
N LEU B 89 9.31 0.83 -14.46
CA LEU B 89 10.28 -0.03 -15.16
C LEU B 89 10.71 0.57 -16.46
N ASP B 90 9.74 1.04 -17.24
CA ASP B 90 10.03 1.68 -18.52
C ASP B 90 10.88 2.93 -18.37
N LEU B 91 10.58 3.74 -17.38
CA LEU B 91 11.35 4.94 -17.14
C LEU B 91 12.67 4.72 -16.41
N ARG B 92 13.01 3.47 -16.11
CA ARG B 92 14.25 3.09 -15.42
C ARG B 92 14.25 3.56 -13.96
N GLU B 93 13.09 3.82 -13.38
CA GLU B 93 13.04 4.17 -11.96
C GLU B 93 13.10 2.96 -11.04
N ILE B 94 12.72 1.78 -11.52
CA ILE B 94 12.91 0.56 -10.77
C ILE B 94 13.54 -0.39 -11.78
N ASP B 95 14.24 -1.40 -11.25
CA ASP B 95 14.91 -2.46 -12.01
C ASP B 95 14.08 -3.70 -12.17
N LEU B 96 13.16 -3.96 -11.27
CA LEU B 96 12.43 -5.20 -11.28
C LEU B 96 11.04 -4.88 -10.77
N ALA B 97 10.04 -5.56 -11.34
CA ALA B 97 8.66 -5.41 -10.83
C ALA B 97 7.99 -6.76 -10.69
N LEU B 98 7.34 -6.98 -9.55
CA LEU B 98 6.46 -8.14 -9.38
C LEU B 98 5.00 -7.76 -9.62
N THR B 99 4.42 -8.41 -10.60
CA THR B 99 3.07 -8.15 -11.04
C THR B 99 2.34 -9.48 -11.20
N MET B 100 1.07 -9.42 -11.57
CA MET B 100 0.19 -10.57 -11.82
C MET B 100 -0.33 -10.46 -13.22
N GLN B 101 0.51 -9.91 -14.12
CA GLN B 101 0.14 -9.66 -15.53
C GLN B 101 1.41 -9.67 -16.35
N PRO B 102 1.50 -10.44 -17.45
CA PRO B 102 2.61 -10.28 -18.36
C PRO B 102 2.47 -8.95 -19.10
N VAL B 103 3.52 -8.58 -19.76
CA VAL B 103 3.54 -7.35 -20.54
C VAL B 103 3.37 -7.69 -22.01
N GLN B 104 2.60 -6.89 -22.70
CA GLN B 104 2.41 -7.06 -24.13
C GLN B 104 3.71 -6.78 -24.86
N GLN B 105 3.71 -7.04 -26.15
CA GLN B 105 4.93 -6.85 -26.89
C GLN B 105 5.54 -5.48 -26.64
N GLY B 106 6.84 -5.48 -26.38
CA GLY B 106 7.53 -4.25 -26.03
C GLY B 106 8.94 -4.54 -25.55
N ASP B 107 9.41 -3.71 -24.63
CA ASP B 107 10.78 -3.84 -24.14
CA ASP B 107 10.78 -3.83 -24.13
C ASP B 107 10.83 -4.37 -22.71
N ILE B 108 9.80 -5.15 -22.32
CA ILE B 108 9.75 -5.74 -20.98
C ILE B 108 9.81 -7.28 -21.10
N MET B 109 10.64 -7.91 -20.29
CA MET B 109 10.71 -9.38 -20.20
C MET B 109 10.00 -9.82 -18.96
N ALA B 110 9.39 -11.01 -18.96
CA ALA B 110 8.51 -11.38 -17.86
C ALA B 110 8.78 -12.85 -17.52
N THR B 111 9.18 -13.09 -16.30
CA THR B 111 9.51 -14.43 -15.82
C THR B 111 8.29 -14.96 -15.04
N LEU B 112 7.74 -16.07 -15.47
CA LEU B 112 6.60 -16.69 -14.78
C LEU B 112 7.06 -17.37 -13.49
N ILE B 113 6.67 -16.80 -12.34
CA ILE B 113 7.12 -17.39 -11.08
C ILE B 113 6.24 -18.55 -10.67
N ALA B 114 4.94 -18.31 -10.58
CA ALA B 114 4.03 -19.30 -10.05
C ALA B 114 2.61 -18.80 -10.23
N GLU B 115 1.66 -19.71 -10.02
CA GLU B 115 0.24 -19.35 -10.00
C GLU B 115 -0.24 -19.03 -8.60
N VAL B 116 -1.05 -17.98 -8.50
CA VAL B 116 -1.52 -17.44 -7.21
C VAL B 116 -3.00 -17.79 -7.06
N PRO B 117 -3.41 -18.49 -6.01
CA PRO B 117 -4.85 -18.71 -5.81
C PRO B 117 -5.66 -17.44 -5.59
N LEU B 118 -6.82 -17.42 -6.19
CA LEU B 118 -7.84 -16.42 -5.91
C LEU B 118 -8.86 -17.02 -4.94
N VAL B 119 -9.30 -16.19 -4.02
CA VAL B 119 -10.24 -16.62 -2.99
C VAL B 119 -11.38 -15.62 -2.84
N TYR B 120 -12.52 -16.15 -2.43
CA TYR B 120 -13.68 -15.37 -2.07
C TYR B 120 -13.51 -15.02 -0.61
N VAL B 121 -13.81 -13.77 -0.28
CA VAL B 121 -13.72 -13.24 1.09
C VAL B 121 -15.03 -12.57 1.49
N ASP B 122 -15.50 -12.90 2.69
CA ASP B 122 -16.82 -12.44 3.13
C ASP B 122 -16.88 -12.61 4.63
N LYS B 123 -17.32 -11.58 5.36
CA LYS B 123 -17.47 -11.75 6.81
C LYS B 123 -18.61 -12.69 7.12
N ASP B 124 -19.67 -12.67 6.31
CA ASP B 124 -20.93 -13.36 6.57
C ASP B 124 -21.01 -14.79 6.07
N TYR B 125 -20.13 -15.23 5.19
CA TYR B 125 -20.22 -16.56 4.61
C TYR B 125 -19.50 -17.53 5.53
N ARG B 126 -20.19 -18.60 5.88
CA ARG B 126 -19.71 -19.51 6.92
C ARG B 126 -19.16 -20.85 6.41
N GLN B 127 -19.30 -21.16 5.14
CA GLN B 127 -19.13 -22.55 4.69
C GLN B 127 -17.88 -22.74 3.90
N GLY B 128 -17.96 -23.48 2.81
CA GLY B 128 -16.79 -23.82 2.04
C GLY B 128 -16.74 -23.22 0.65
N ALA B 129 -16.18 -23.94 -0.33
CA ALA B 129 -15.99 -23.40 -1.66
C ALA B 129 -17.26 -22.70 -2.17
N VAL B 130 -17.04 -21.62 -2.88
CA VAL B 130 -18.13 -20.79 -3.39
C VAL B 130 -18.11 -20.86 -4.92
N GLU B 131 -19.26 -21.15 -5.52
CA GLU B 131 -19.36 -20.99 -6.96
C GLU B 131 -19.47 -19.51 -7.33
N ILE B 132 -18.75 -19.10 -8.37
CA ILE B 132 -18.77 -17.71 -8.80
C ILE B 132 -20.20 -17.21 -8.97
N ASP B 133 -21.08 -18.05 -9.55
CA ASP B 133 -22.44 -17.63 -9.82
C ASP B 133 -23.33 -17.62 -8.57
N SER B 134 -22.87 -18.18 -7.45
CA SER B 134 -23.63 -18.10 -6.21
C SER B 134 -23.32 -16.81 -5.45
N ILE B 135 -22.38 -16.02 -5.94
CA ILE B 135 -22.01 -14.81 -5.20
C ILE B 135 -23.09 -13.74 -5.36
N ASP B 136 -23.40 -13.05 -4.26
CA ASP B 136 -24.51 -12.08 -4.25
C ASP B 136 -24.02 -10.76 -4.83
N GLN B 137 -24.50 -10.42 -6.04
CA GLN B 137 -23.97 -9.28 -6.78
C GLN B 137 -24.34 -7.96 -6.13
N GLN B 138 -25.35 -7.96 -5.26
CA GLN B 138 -25.70 -6.75 -4.55
C GLN B 138 -24.70 -6.42 -3.45
N ARG B 139 -23.92 -7.39 -2.96
CA ARG B 139 -22.88 -7.15 -1.97
C ARG B 139 -21.49 -7.08 -2.56
N TRP B 140 -21.37 -7.25 -3.88
CA TRP B 140 -20.07 -7.34 -4.55
C TRP B 140 -19.38 -5.98 -4.44
N ILE B 141 -18.12 -6.01 -4.04
CA ILE B 141 -17.18 -4.89 -4.11
C ILE B 141 -16.28 -5.13 -5.32
N SER B 142 -16.41 -4.29 -6.32
CA SER B 142 -15.62 -4.46 -7.54
C SER B 142 -14.18 -3.97 -7.31
N PRO B 143 -13.21 -4.71 -7.75
CA PRO B 143 -11.83 -4.23 -7.63
C PRO B 143 -11.35 -3.26 -8.73
N GLY B 144 -12.28 -2.62 -9.47
CA GLY B 144 -11.90 -1.79 -10.61
C GLY B 144 -11.43 -2.60 -11.81
N LEU B 145 -10.54 -1.98 -12.61
CA LEU B 145 -10.02 -2.59 -13.83
CA LEU B 145 -10.02 -2.60 -13.84
C LEU B 145 -8.55 -2.93 -13.62
N ASP B 146 -8.25 -4.23 -13.48
CA ASP B 146 -6.89 -4.69 -13.19
C ASP B 146 -6.80 -6.14 -13.67
N SER B 147 -5.68 -6.77 -13.41
CA SER B 147 -5.49 -8.17 -13.83
C SER B 147 -6.50 -9.09 -13.13
N LEU B 148 -6.77 -8.83 -11.85
CA LEU B 148 -7.70 -9.65 -11.08
C LEU B 148 -9.11 -9.59 -11.69
N SER B 149 -9.55 -8.39 -12.05
CA SER B 149 -10.91 -8.25 -12.57
C SER B 149 -11.05 -8.98 -13.89
N THR B 150 -10.01 -8.93 -14.72
CA THR B 150 -10.05 -9.66 -15.96
C THR B 150 -10.16 -11.14 -15.71
N ALA B 151 -9.50 -11.67 -14.67
CA ALA B 151 -9.58 -13.10 -14.39
C ALA B 151 -10.98 -13.49 -13.96
N ILE B 152 -11.63 -12.62 -13.17
CA ILE B 152 -13.00 -12.88 -12.73
C ILE B 152 -13.97 -12.78 -13.90
N ALA B 153 -13.74 -11.82 -14.80
CA ALA B 153 -14.71 -11.57 -15.86
C ALA B 153 -14.77 -12.70 -16.86
N ALA B 154 -13.71 -13.52 -16.93
CA ALA B 154 -13.72 -14.69 -17.78
C ALA B 154 -14.70 -15.73 -17.26
N HIS B 155 -15.18 -15.58 -16.03
CA HIS B 155 -16.12 -16.53 -15.45
C HIS B 155 -17.47 -15.91 -15.11
N ARG B 156 -17.51 -14.63 -14.77
CA ARG B 156 -18.75 -13.92 -14.51
C ARG B 156 -18.52 -12.42 -14.66
N VAL B 157 -19.48 -11.76 -15.26
CA VAL B 157 -19.46 -10.31 -15.47
C VAL B 157 -20.37 -9.68 -14.44
N PHE B 158 -19.77 -9.13 -13.36
CA PHE B 158 -20.58 -8.53 -12.32
C PHE B 158 -21.10 -7.16 -12.75
N PRO B 159 -22.37 -6.86 -12.54
CA PRO B 159 -22.86 -5.52 -12.90
C PRO B 159 -22.20 -4.46 -12.01
N ALA B 160 -22.47 -3.21 -12.37
CA ALA B 160 -21.92 -2.09 -11.61
C ALA B 160 -22.49 -2.09 -10.20
N THR B 161 -21.64 -1.76 -9.25
CA THR B 161 -21.97 -1.83 -7.84
C THR B 161 -21.77 -0.45 -7.22
N GLY B 162 -22.28 -0.26 -6.00
CA GLY B 162 -22.08 0.99 -5.31
C GLY B 162 -20.66 1.22 -4.84
N LEU B 163 -19.90 0.15 -4.65
CA LEU B 163 -18.58 0.22 -4.04
C LEU B 163 -17.54 -0.35 -5.00
N ASN B 164 -16.53 0.46 -5.30
CA ASN B 164 -15.41 0.01 -6.12
C ASN B 164 -14.12 0.26 -5.35
N VAL B 165 -13.33 -0.76 -5.11
CA VAL B 165 -12.17 -0.56 -4.25
C VAL B 165 -10.97 -1.17 -4.92
N GLU B 166 -10.01 -0.32 -5.34
CA GLU B 166 -8.95 -0.66 -6.26
C GLU B 166 -7.64 -0.98 -5.60
N THR B 167 -7.57 -0.97 -4.25
CA THR B 167 -6.42 -1.44 -3.50
C THR B 167 -6.78 -2.59 -2.57
N CYS B 168 -6.00 -3.66 -2.64
CA CYS B 168 -6.42 -4.90 -1.99
C CYS B 168 -6.64 -4.70 -0.51
N TYR B 169 -5.69 -4.05 0.19
CA TYR B 169 -5.90 -3.99 1.64
C TYR B 169 -7.06 -3.07 1.99
N MET B 170 -7.44 -2.12 1.12
CA MET B 170 -8.58 -1.30 1.45
C MET B 170 -9.85 -2.13 1.32
N ALA B 171 -9.94 -2.93 0.28
CA ALA B 171 -11.07 -3.85 0.13
C ALA B 171 -11.19 -4.82 1.31
N MET B 172 -10.07 -5.31 1.86
CA MET B 172 -10.12 -6.25 2.95
C MET B 172 -10.69 -5.59 4.17
N GLU B 173 -10.46 -4.27 4.30
CA GLU B 173 -11.05 -3.53 5.42
C GLU B 173 -12.56 -3.45 5.27
N PHE B 174 -13.05 -3.16 4.07
CA PHE B 174 -14.50 -3.15 3.90
C PHE B 174 -15.11 -4.53 4.15
N VAL B 175 -14.40 -5.59 3.78
CA VAL B 175 -14.91 -6.94 4.03
C VAL B 175 -14.94 -7.24 5.52
N LYS B 176 -13.88 -6.90 6.24
CA LYS B 176 -13.84 -7.17 7.68
CA LYS B 176 -13.84 -7.14 7.69
C LYS B 176 -14.93 -6.38 8.41
N ARG B 177 -15.37 -5.25 7.88
CA ARG B 177 -16.45 -4.47 8.50
C ARG B 177 -17.83 -4.90 8.03
N GLY B 178 -17.90 -5.94 7.21
CA GLY B 178 -19.18 -6.49 6.81
C GLY B 178 -19.85 -5.77 5.68
N VAL B 179 -19.13 -4.91 4.96
CA VAL B 179 -19.80 -4.09 3.99
C VAL B 179 -20.07 -4.82 2.70
N GLY B 180 -19.20 -5.73 2.33
CA GLY B 180 -19.48 -6.50 1.14
C GLY B 180 -18.49 -7.61 0.98
N CYS B 181 -18.56 -8.25 -0.18
CA CYS B 181 -17.72 -9.41 -0.47
C CYS B 181 -16.87 -9.16 -1.69
N CYS B 182 -15.81 -9.93 -1.84
CA CYS B 182 -14.88 -9.72 -2.95
CA CYS B 182 -15.04 -9.80 -3.07
C CYS B 182 -14.21 -11.04 -3.28
N ILE B 183 -13.52 -11.05 -4.41
CA ILE B 183 -12.54 -12.08 -4.74
C ILE B 183 -11.20 -11.37 -4.76
N THR B 184 -10.23 -11.96 -4.08
CA THR B 184 -8.90 -11.37 -3.99
C THR B 184 -7.81 -12.44 -4.07
N ASP B 185 -6.55 -11.99 -4.11
CA ASP B 185 -5.42 -12.92 -4.08
C ASP B 185 -5.24 -13.40 -2.67
N ILE B 186 -4.67 -14.60 -2.53
CA ILE B 186 -4.52 -15.24 -1.23
C ILE B 186 -3.65 -14.43 -0.29
N PHE B 187 -2.70 -13.65 -0.81
CA PHE B 187 -1.75 -12.92 0.05
C PHE B 187 -2.45 -11.82 0.83
N SER B 188 -3.22 -11.00 0.12
CA SER B 188 -3.89 -9.93 0.81
C SER B 188 -4.96 -10.48 1.75
N ALA B 189 -5.59 -11.59 1.37
CA ALA B 189 -6.61 -12.20 2.24
C ALA B 189 -6.01 -12.71 3.52
N ARG B 190 -4.92 -13.46 3.42
CA ARG B 190 -4.28 -14.00 4.61
CA ARG B 190 -4.28 -14.00 4.61
C ARG B 190 -3.76 -12.92 5.53
N HIS B 191 -3.32 -11.82 4.94
CA HIS B 191 -2.71 -10.77 5.71
C HIS B 191 -3.71 -10.04 6.59
N SER B 192 -4.89 -9.72 6.05
CA SER B 192 -5.83 -8.86 6.78
C SER B 192 -6.99 -9.59 7.41
N LEU B 193 -7.35 -10.77 6.92
CA LEU B 193 -8.55 -11.48 7.37
C LEU B 193 -8.19 -12.73 8.18
N THR B 194 -9.11 -13.10 9.06
CA THR B 194 -9.02 -14.35 9.78
C THR B 194 -9.39 -15.49 8.84
N PRO B 195 -8.83 -16.68 9.06
CA PRO B 195 -9.07 -17.74 8.08
C PRO B 195 -10.53 -18.00 7.83
N GLU B 196 -11.39 -17.74 8.82
CA GLU B 196 -12.82 -18.00 8.66
C GLU B 196 -13.43 -17.18 7.51
N MET B 197 -12.82 -16.05 7.18
CA MET B 197 -13.43 -15.22 6.16
C MET B 197 -12.95 -15.52 4.73
N ILE B 198 -12.10 -16.55 4.55
CA ILE B 198 -11.41 -16.85 3.29
C ILE B 198 -11.94 -18.16 2.76
N HIS B 199 -12.34 -18.17 1.50
CA HIS B 199 -12.99 -19.32 0.88
C HIS B 199 -12.44 -19.57 -0.52
N GLN B 200 -12.29 -20.86 -0.84
CA GLN B 200 -11.86 -21.17 -2.18
C GLN B 200 -13.05 -20.97 -3.12
N ILE B 201 -12.74 -20.78 -4.42
CA ILE B 201 -13.73 -20.69 -5.50
C ILE B 201 -13.88 -22.08 -6.12
N SER B 202 -15.06 -22.36 -6.68
CA SER B 202 -15.35 -23.55 -7.49
C SER B 202 -15.94 -23.07 -8.81
N PRO B 203 -15.25 -23.24 -9.94
CA PRO B 203 -13.99 -23.96 -10.09
C PRO B 203 -12.82 -23.12 -9.53
N PRO B 204 -11.73 -23.75 -9.07
CA PRO B 204 -10.60 -23.00 -8.50
C PRO B 204 -10.06 -22.02 -9.53
N MET B 205 -9.82 -20.80 -9.08
CA MET B 205 -9.29 -19.73 -9.91
C MET B 205 -7.86 -19.42 -9.48
N LYS B 206 -7.07 -19.01 -10.44
CA LYS B 206 -5.71 -18.59 -10.14
CA LYS B 206 -5.71 -18.58 -10.14
C LYS B 206 -5.36 -17.39 -11.03
N ILE B 207 -4.29 -16.69 -10.66
CA ILE B 207 -3.69 -15.70 -11.53
C ILE B 207 -2.17 -15.93 -11.51
N ASP B 208 -1.49 -15.61 -12.61
CA ASP B 208 -0.04 -15.84 -12.69
C ASP B 208 0.75 -14.69 -12.11
N LEU B 209 1.81 -15.02 -11.39
CA LEU B 209 2.73 -14.05 -10.80
C LEU B 209 3.98 -13.93 -11.65
N TYR B 210 4.32 -12.71 -12.03
CA TYR B 210 5.47 -12.49 -12.92
C TYR B 210 6.49 -11.59 -12.24
N LEU B 211 7.75 -11.80 -12.60
CA LEU B 211 8.84 -10.87 -12.31
C LEU B 211 9.21 -10.17 -13.61
N LEU B 212 9.07 -8.85 -13.67
CA LEU B 212 9.30 -8.10 -14.91
C LEU B 212 10.64 -7.38 -14.82
N ARG B 213 11.32 -7.26 -15.97
N ARG B 213 11.31 -7.22 -15.96
CA ARG B 213 12.57 -6.53 -16.06
CA ARG B 213 12.60 -6.53 -16.05
C ARG B 213 12.67 -5.96 -17.46
C ARG B 213 12.65 -5.92 -17.44
N ARG B 214 13.50 -4.94 -17.62
CA ARG B 214 13.70 -4.37 -18.95
CA ARG B 214 13.72 -4.37 -18.93
C ARG B 214 14.45 -5.38 -19.82
N ALA B 215 13.99 -5.53 -21.07
CA ALA B 215 14.64 -6.40 -22.05
C ALA B 215 15.99 -5.87 -22.48
N ASP B 216 16.25 -4.55 -22.37
CA ASP B 216 17.46 -3.98 -22.94
C ASP B 216 18.53 -3.63 -21.89
N ALA B 217 18.40 -4.12 -20.66
CA ALA B 217 19.31 -3.80 -19.56
C ALA B 217 19.79 -5.10 -18.90
N SER B 218 21.08 -5.22 -18.75
CA SER B 218 21.66 -6.40 -18.13
C SER B 218 21.73 -6.17 -16.63
N LEU B 219 21.28 -7.16 -15.88
CA LEU B 219 21.30 -7.04 -14.44
C LEU B 219 22.73 -7.32 -13.97
N SER B 220 23.13 -6.63 -12.89
CA SER B 220 24.41 -6.90 -12.21
C SER B 220 24.38 -8.29 -11.58
N PRO B 221 25.54 -8.87 -11.28
CA PRO B 221 25.54 -10.25 -10.74
C PRO B 221 24.78 -10.34 -9.44
N VAL B 222 24.90 -9.35 -8.56
CA VAL B 222 24.17 -9.46 -7.30
C VAL B 222 22.65 -9.35 -7.52
N THR B 223 22.23 -8.46 -8.41
CA THR B 223 20.81 -8.35 -8.73
C THR B 223 20.27 -9.65 -9.36
N GLN B 224 21.03 -10.33 -10.25
CA GLN B 224 20.55 -11.62 -10.77
C GLN B 224 20.40 -12.64 -9.65
N LYS B 225 21.36 -12.63 -8.70
CA LYS B 225 21.32 -13.52 -7.54
CA LYS B 225 21.31 -13.51 -7.54
C LYS B 225 20.05 -13.26 -6.72
N PHE B 226 19.76 -12.00 -6.48
CA PHE B 226 18.50 -11.67 -5.82
C PHE B 226 17.29 -12.14 -6.64
N VAL B 227 17.32 -12.00 -7.98
CA VAL B 227 16.18 -12.45 -8.78
C VAL B 227 15.95 -13.95 -8.58
N ASP B 228 17.02 -14.73 -8.67
CA ASP B 228 16.94 -16.18 -8.48
C ASP B 228 16.41 -16.52 -7.09
N PHE B 229 16.93 -15.83 -6.07
CA PHE B 229 16.46 -16.02 -4.70
C PHE B 229 14.98 -15.72 -4.56
N LEU B 230 14.54 -14.56 -5.06
CA LEU B 230 13.17 -14.11 -4.96
C LEU B 230 12.23 -15.09 -5.63
N CYS B 231 12.56 -15.47 -6.88
CA CYS B 231 11.69 -16.35 -7.67
C CYS B 231 11.50 -17.69 -7.00
N LYS B 232 12.60 -18.30 -6.55
CA LYS B 232 12.59 -19.57 -5.80
C LYS B 232 11.78 -19.49 -4.50
N ARG B 233 11.98 -18.46 -3.72
CA ARG B 233 11.24 -18.33 -2.46
C ARG B 233 9.77 -18.09 -2.71
N LEU B 234 9.44 -17.28 -3.71
CA LEU B 234 8.05 -17.02 -4.00
C LEU B 234 7.39 -18.30 -4.50
N ARG B 235 8.09 -19.04 -5.35
CA ARG B 235 7.52 -20.28 -5.86
C ARG B 235 7.24 -21.23 -4.73
N ASN B 236 8.21 -21.41 -3.87
CA ASN B 236 8.07 -22.32 -2.74
C ASN B 236 7.03 -21.84 -1.71
N GLU B 237 6.91 -20.54 -1.48
CA GLU B 237 5.81 -20.10 -0.66
C GLU B 237 4.46 -20.53 -1.29
N LEU B 238 4.33 -20.41 -2.60
CA LEU B 238 3.05 -20.74 -3.22
C LEU B 238 2.84 -22.23 -3.32
N ARG B 239 3.91 -23.01 -3.49
CA ARG B 239 3.76 -24.45 -3.42
C ARG B 239 3.21 -24.86 -2.07
N GLU B 240 3.67 -24.21 -1.01
CA GLU B 240 3.16 -24.49 0.32
C GLU B 240 1.70 -24.07 0.46
N ILE B 241 1.35 -22.88 -0.04
CA ILE B 241 -0.03 -22.43 0.05
C ILE B 241 -0.94 -23.35 -0.76
N ASN B 242 -0.54 -23.68 -1.99
CA ASN B 242 -1.39 -24.51 -2.82
C ASN B 242 -1.68 -25.83 -2.15
N LEU B 243 -0.74 -26.29 -1.33
CA LEU B 243 -0.92 -27.53 -0.59
CA LEU B 243 -0.93 -27.53 -0.59
C LEU B 243 -1.99 -27.38 0.49
N GLU B 244 -1.85 -26.36 1.34
CA GLU B 244 -2.79 -26.15 2.44
C GLU B 244 -4.23 -25.97 1.94
N LEU B 245 -4.42 -25.62 0.68
CA LEU B 245 -5.76 -25.48 0.12
C LEU B 245 -6.26 -26.81 -0.52
C IAC C . 6.16 6.31 5.25
C1 IAC C . 6.03 6.37 3.88
C2 IAC C . 7.04 5.82 3.06
C3 IAC C . 8.17 5.22 3.64
C4 IAC C . 8.29 5.15 5.02
C5 IAC C . 7.29 5.67 5.84
C7 IAC C . 4.84 7.02 3.59
C8 IAC C . 4.19 7.39 4.77
C17 IAC C . 4.04 7.35 2.31
C18 IAC C . 3.00 6.15 2.34
N IAC C . 5.01 6.94 5.79
O2 IAC C . 3.49 5.02 1.87
O3 IAC C . 1.81 6.36 2.86
H2 IAC C . 6.97 5.85 2.14
H3 IAC C . 8.83 4.86 3.09
H4 IAC C . 9.05 4.76 5.40
H5 IAC C . 7.35 5.59 6.76
H8 IAC C . 3.38 7.84 4.87
H171 IAC C . 4.60 7.32 1.53
H172 IAC C . 3.60 8.20 2.37
HN IAC C . 4.85 7.02 6.62
MG MG D . -5.06 0.53 12.12
MG MG E . -0.02 0.72 -1.73
C IAC F . -7.09 -7.05 -4.95
C1 IAC F . -6.53 -5.96 -5.61
C2 IAC F . -7.31 -4.77 -5.81
C3 IAC F . -8.63 -4.72 -5.31
C4 IAC F . -9.20 -5.82 -4.65
C5 IAC F . -8.43 -6.99 -4.44
C7 IAC F . -5.23 -6.31 -5.98
C8 IAC F . -4.94 -7.62 -5.54
C17 IAC F . -4.05 -5.57 -6.64
C18 IAC F . -3.39 -4.96 -5.33
N IAC F . -6.10 -8.05 -4.92
O2 IAC F . -2.33 -5.77 -4.98
O3 IAC F . -4.06 -3.85 -4.83
H2 IAC F . -6.94 -4.04 -6.25
H3 IAC F . -9.13 -3.95 -5.42
H4 IAC F . -10.09 -5.79 -4.36
H5 IAC F . -8.78 -7.72 -3.96
H8 IAC F . -4.14 -8.08 -5.64
H171 IAC F . -4.34 -4.88 -7.25
H172 IAC F . -3.45 -6.17 -7.10
HN IAC F . -6.21 -8.83 -4.57
#